data_6BNS
#
_entry.id   6BNS
#
_cell.length_a   84.370
_cell.length_b   89.234
_cell.length_c   105.902
_cell.angle_alpha   90.000
_cell.angle_beta   90.000
_cell.angle_gamma   90.000
#
_symmetry.space_group_name_H-M   'P 21 21 21'
#
loop_
_entity.id
_entity.type
_entity.pdbx_description
1 polymer 'Nuclear receptor subfamily 1 group I member 2,Nuclear receptor coactivator 1 Chimera'
2 non-polymer 2-[(2S)-4-[(4-fluorophenyl)sulfonyl]-7-(1,1,1,3,3,3-hexafluoro-2-hydroxypropan-2-yl)-3,4-dihydro-2H-1,4-benzothiazin-2-yl]-N-(2-hydroxy-2-methylpropyl)acetamide
3 water water
#
_entity_poly.entity_id   1
_entity_poly.type   'polypeptide(L)'
_entity_poly.pdbx_seq_one_letter_code
;HHHHHHGSERTGTQPLGVQGLTEEQRMMIRELMDAQMKTFDTTFSHFKNFRLPGVLSSGCELPESLQAPSREEAAKWSQV
RKDLCSLKVSLQLRGEDGSVWNYKPPADSGGKEIFSLLPHMADMSTYMFKGIISFAKVISYFRDLPIEDQISLLKGAAFE
LCQLRFNTVFNAETGTWECGRLSYCLEDTAGGFQQLLLEPMLKFHYMLKKLQLHEEEYVLMQAISLFSPDRPGVLQHRVV
DQLQEQFAITLKSYIECNRPQPAHRFLFLKIMAMLTELRSINAQHTQRLLRIQDIHPFATPLMQELFGITGSSGGSGGSS
HSSLTERHKILHRLLQEGSPSDITTLSVEPD
;
_entity_poly.pdbx_strand_id   A,B
#
# COMPACT_ATOMS: atom_id res chain seq x y z
N GLY A 20 38.70 25.15 -23.84
CA GLY A 20 39.13 23.78 -23.60
C GLY A 20 38.82 22.86 -24.77
N LEU A 21 37.52 22.62 -25.01
CA LEU A 21 37.07 21.80 -26.13
C LEU A 21 36.89 22.74 -27.32
N THR A 22 36.66 22.18 -28.53
CA THR A 22 36.38 23.01 -29.71
C THR A 22 34.96 23.60 -29.58
N GLU A 23 34.58 24.49 -30.50
CA GLU A 23 33.22 25.03 -30.44
C GLU A 23 32.21 23.97 -30.88
N GLU A 24 32.58 23.12 -31.87
CA GLU A 24 31.74 22.02 -32.35
C GLU A 24 31.42 21.06 -31.15
N GLN A 25 32.45 20.77 -30.32
CA GLN A 25 32.36 19.93 -29.12
C GLN A 25 31.48 20.56 -28.04
N ARG A 26 31.62 21.88 -27.81
CA ARG A 26 30.81 22.61 -26.84
C ARG A 26 29.32 22.61 -27.26
N MET A 27 29.07 22.78 -28.56
CA MET A 27 27.72 22.82 -29.11
C MET A 27 27.06 21.45 -29.15
N MET A 28 27.88 20.39 -29.30
CA MET A 28 27.45 18.99 -29.29
C MET A 28 26.90 18.66 -27.88
N ILE A 29 27.65 19.06 -26.83
CA ILE A 29 27.27 18.87 -25.44
C ILE A 29 25.98 19.69 -25.14
N ARG A 30 25.95 20.97 -25.56
CA ARG A 30 24.82 21.87 -25.40
C ARG A 30 23.55 21.24 -25.99
N GLU A 31 23.66 20.61 -27.18
CA GLU A 31 22.54 19.91 -27.80
C GLU A 31 22.06 18.73 -26.94
N LEU A 32 22.99 17.91 -26.43
CA LEU A 32 22.64 16.76 -25.60
C LEU A 32 22.05 17.16 -24.25
N MET A 33 22.59 18.20 -23.63
CA MET A 33 22.16 18.75 -22.35
C MET A 33 20.73 19.34 -22.44
N ASP A 34 20.43 20.02 -23.59
CA ASP A 34 19.11 20.57 -23.90
C ASP A 34 18.11 19.45 -24.08
N ALA A 35 18.50 18.44 -24.85
CA ALA A 35 17.71 17.23 -25.12
C ALA A 35 17.36 16.53 -23.80
N GLN A 36 18.29 16.52 -22.87
CA GLN A 36 18.17 15.91 -21.56
C GLN A 36 17.26 16.69 -20.64
N MET A 37 17.45 18.01 -20.53
CA MET A 37 16.62 18.82 -19.66
C MET A 37 15.16 18.82 -20.08
N LYS A 38 14.92 18.78 -21.40
CA LYS A 38 13.60 18.77 -22.01
C LYS A 38 12.85 17.46 -21.86
N THR A 39 13.57 16.33 -21.85
CA THR A 39 12.91 15.03 -21.91
C THR A 39 13.10 14.16 -20.69
N PHE A 40 13.98 14.55 -19.78
CA PHE A 40 14.20 13.72 -18.60
C PHE A 40 13.47 14.35 -17.42
N ASP A 41 12.30 13.79 -17.07
CA ASP A 41 11.52 14.23 -15.91
C ASP A 41 12.17 13.64 -14.62
N THR A 42 13.23 14.33 -14.16
CA THR A 42 14.06 13.93 -13.02
C THR A 42 13.30 13.70 -11.72
N THR A 43 12.20 14.43 -11.50
CA THR A 43 11.38 14.33 -10.29
C THR A 43 10.20 13.37 -10.45
N PHE A 44 10.06 12.71 -11.64
CA PHE A 44 8.94 11.80 -11.98
C PHE A 44 7.55 12.45 -11.72
N SER A 45 7.46 13.78 -11.83
CA SER A 45 6.23 14.53 -11.61
C SER A 45 5.09 14.29 -12.63
N HIS A 46 5.39 13.67 -13.79
CA HIS A 46 4.36 13.37 -14.79
C HIS A 46 4.09 11.86 -14.91
N PHE A 47 4.74 11.05 -14.04
CA PHE A 47 4.51 9.61 -13.99
C PHE A 47 3.35 9.43 -13.00
N LYS A 48 2.15 9.27 -13.55
CA LYS A 48 0.90 9.18 -12.81
C LYS A 48 0.03 8.07 -13.38
N ASN A 49 -1.01 7.66 -12.63
CA ASN A 49 -1.99 6.65 -13.07
C ASN A 49 -1.38 5.31 -13.50
N PHE A 50 -0.33 4.89 -12.78
CA PHE A 50 0.37 3.64 -12.99
C PHE A 50 -0.27 2.56 -12.15
N ARG A 51 -0.07 1.28 -12.52
CA ARG A 51 -0.61 0.16 -11.75
C ARG A 51 0.26 -0.13 -10.54
N LEU A 52 -0.34 -0.66 -9.50
CA LEU A 52 0.35 -1.02 -8.24
C LEU A 52 -0.02 -2.44 -7.89
N PRO A 53 0.82 -3.17 -7.12
CA PRO A 53 0.46 -4.54 -6.77
C PRO A 53 -0.78 -4.46 -5.85
N GLY A 54 -1.76 -5.31 -6.16
CA GLY A 54 -3.04 -5.40 -5.45
C GLY A 54 -2.97 -5.60 -3.94
N VAL A 55 -4.07 -5.22 -3.29
CA VAL A 55 -4.27 -5.25 -1.84
C VAL A 55 -5.19 -6.43 -1.40
N SER A 70 3.39 -29.92 -17.20
CA SER A 70 4.11 -30.21 -18.44
C SER A 70 5.63 -30.12 -18.21
N ARG A 71 6.43 -31.00 -18.85
CA ARG A 71 7.89 -31.04 -18.71
C ARG A 71 8.60 -29.80 -19.28
N GLU A 72 8.19 -29.37 -20.48
CA GLU A 72 8.76 -28.19 -21.17
C GLU A 72 8.36 -26.89 -20.48
N GLU A 73 7.08 -26.80 -20.03
CA GLU A 73 6.55 -25.62 -19.33
C GLU A 73 7.16 -25.47 -17.93
N ALA A 74 7.42 -26.60 -17.23
CA ALA A 74 8.03 -26.60 -15.89
C ALA A 74 9.43 -26.01 -15.97
N ALA A 75 10.18 -26.36 -17.04
CA ALA A 75 11.53 -25.86 -17.32
C ALA A 75 11.51 -24.35 -17.54
N LYS A 76 10.41 -23.83 -18.16
CA LYS A 76 10.19 -22.41 -18.41
C LYS A 76 9.92 -21.70 -17.09
N TRP A 77 8.98 -22.24 -16.27
CA TRP A 77 8.60 -21.70 -14.95
C TRP A 77 9.75 -21.72 -13.96
N SER A 78 10.62 -22.78 -14.02
CA SER A 78 11.80 -22.89 -13.14
C SER A 78 12.79 -21.79 -13.52
N GLN A 79 12.96 -21.53 -14.82
CA GLN A 79 13.85 -20.49 -15.32
C GLN A 79 13.37 -19.07 -15.00
N VAL A 80 12.07 -18.77 -15.27
CA VAL A 80 11.45 -17.47 -15.00
C VAL A 80 11.54 -17.11 -13.48
N ARG A 81 11.36 -18.12 -12.59
CA ARG A 81 11.48 -18.00 -11.13
C ARG A 81 12.88 -17.52 -10.74
N LYS A 82 13.92 -17.97 -11.48
CA LYS A 82 15.32 -17.59 -11.27
C LYS A 82 15.51 -16.16 -11.72
N ASP A 83 14.92 -15.79 -12.87
CA ASP A 83 15.00 -14.45 -13.49
C ASP A 83 14.41 -13.34 -12.61
N LEU A 84 13.32 -13.63 -11.89
CA LEU A 84 12.63 -12.67 -11.05
C LEU A 84 13.10 -12.56 -9.62
N CYS A 85 13.38 -13.69 -8.94
CA CYS A 85 13.82 -13.70 -7.55
C CYS A 85 15.22 -13.15 -7.33
N SER A 86 15.98 -12.98 -8.44
CA SER A 86 17.34 -12.45 -8.49
C SER A 86 17.42 -10.96 -8.14
N LEU A 87 16.32 -10.22 -8.38
CA LEU A 87 16.25 -8.78 -8.08
C LEU A 87 14.99 -8.49 -7.27
N LYS A 88 15.15 -8.09 -5.99
CA LYS A 88 14.02 -7.82 -5.10
C LYS A 88 14.06 -6.40 -4.52
N VAL A 89 12.96 -5.66 -4.68
CA VAL A 89 12.80 -4.29 -4.19
C VAL A 89 11.49 -4.11 -3.41
N SER A 90 11.46 -3.11 -2.53
CA SER A 90 10.27 -2.67 -1.84
C SER A 90 9.89 -1.29 -2.37
N LEU A 91 8.60 -1.04 -2.53
CA LEU A 91 8.06 0.21 -3.04
C LEU A 91 7.72 1.15 -1.92
N GLN A 92 8.02 2.44 -2.11
CA GLN A 92 7.66 3.49 -1.18
C GLN A 92 6.96 4.61 -1.91
N LEU A 93 5.75 4.94 -1.48
CA LEU A 93 4.96 6.01 -2.07
C LEU A 93 4.70 7.10 -1.04
N ARG A 94 5.37 8.25 -1.17
CA ARG A 94 5.22 9.37 -0.25
C ARG A 94 4.18 10.32 -0.75
N GLY A 95 3.12 10.47 0.04
CA GLY A 95 2.02 11.37 -0.29
C GLY A 95 2.41 12.82 -0.07
N GLU A 96 1.72 13.73 -0.80
CA GLU A 96 1.89 15.19 -0.72
C GLU A 96 1.76 15.64 0.75
N ASP A 97 0.72 15.11 1.44
CA ASP A 97 0.38 15.37 2.84
C ASP A 97 1.39 14.87 3.89
N GLY A 98 2.23 13.92 3.51
CA GLY A 98 3.18 13.31 4.44
C GLY A 98 2.91 11.85 4.73
N SER A 99 1.76 11.34 4.25
CA SER A 99 1.39 9.93 4.43
C SER A 99 2.35 9.08 3.61
N VAL A 100 2.68 7.88 4.10
CA VAL A 100 3.57 6.96 3.40
C VAL A 100 2.96 5.56 3.24
N TRP A 101 2.76 5.14 1.97
CA TRP A 101 2.34 3.79 1.61
C TRP A 101 3.63 3.02 1.28
N ASN A 102 3.75 1.79 1.79
CA ASN A 102 4.94 0.98 1.56
C ASN A 102 4.57 -0.46 1.19
N TYR A 103 5.16 -0.96 0.08
CA TYR A 103 4.92 -2.33 -0.42
C TYR A 103 6.12 -3.25 -0.29
N LYS A 104 6.01 -4.24 0.60
CA LYS A 104 7.02 -5.26 0.82
C LYS A 104 6.61 -6.45 -0.07
N PRO A 105 7.52 -6.95 -0.93
CA PRO A 105 7.16 -8.06 -1.85
C PRO A 105 6.93 -9.43 -1.19
N PRO A 106 6.18 -10.34 -1.88
CA PRO A 106 5.97 -11.68 -1.31
C PRO A 106 7.10 -12.66 -1.59
N ALA A 107 7.13 -13.78 -0.84
CA ALA A 107 8.11 -14.87 -1.01
C ALA A 107 7.61 -15.80 -2.13
N ASP A 108 8.53 -16.59 -2.73
CA ASP A 108 8.19 -17.52 -3.80
C ASP A 108 7.42 -18.75 -3.26
N SER A 109 6.09 -18.60 -3.17
CA SER A 109 5.18 -19.64 -2.69
C SER A 109 5.07 -20.79 -3.71
N GLY A 110 5.18 -20.45 -5.00
CA GLY A 110 5.11 -21.40 -6.11
C GLY A 110 3.96 -21.17 -7.07
N GLY A 111 3.66 -19.89 -7.32
CA GLY A 111 2.59 -19.50 -8.23
C GLY A 111 2.79 -18.12 -8.83
N LYS A 112 1.67 -17.43 -9.14
CA LYS A 112 1.60 -16.12 -9.77
C LYS A 112 2.14 -14.91 -8.97
N GLU A 113 2.24 -15.03 -7.62
CA GLU A 113 2.73 -14.00 -6.67
C GLU A 113 4.08 -13.35 -7.06
N ILE A 114 4.93 -14.10 -7.75
CA ILE A 114 6.23 -13.75 -8.31
C ILE A 114 6.13 -12.61 -9.39
N PHE A 115 4.91 -12.38 -9.91
CA PHE A 115 4.61 -11.41 -10.95
C PHE A 115 3.81 -10.20 -10.47
N SER A 116 3.68 -10.01 -9.12
CA SER A 116 2.91 -8.91 -8.50
C SER A 116 3.35 -7.50 -8.89
N LEU A 117 4.68 -7.29 -9.04
CA LEU A 117 5.26 -6.01 -9.42
C LEU A 117 5.42 -5.73 -10.92
N LEU A 118 5.20 -6.74 -11.79
CA LEU A 118 5.33 -6.61 -13.24
C LEU A 118 4.47 -5.56 -13.92
N PRO A 119 3.14 -5.40 -13.64
CA PRO A 119 2.38 -4.33 -14.30
C PRO A 119 2.89 -2.95 -13.90
N HIS A 120 3.30 -2.78 -12.63
CA HIS A 120 3.88 -1.51 -12.17
C HIS A 120 5.20 -1.22 -12.90
N MET A 121 6.08 -2.24 -13.01
CA MET A 121 7.37 -2.12 -13.70
C MET A 121 7.16 -1.88 -15.19
N ALA A 122 6.10 -2.47 -15.78
CA ALA A 122 5.71 -2.27 -17.16
C ALA A 122 5.39 -0.81 -17.40
N ASP A 123 4.61 -0.19 -16.51
CA ASP A 123 4.25 1.24 -16.59
C ASP A 123 5.45 2.19 -16.39
N MET A 124 6.37 1.84 -15.46
CA MET A 124 7.59 2.58 -15.18
C MET A 124 8.55 2.58 -16.38
N SER A 125 8.82 1.38 -16.96
CA SER A 125 9.66 1.19 -18.15
C SER A 125 9.11 2.00 -19.30
N THR A 126 7.79 1.86 -19.60
CA THR A 126 7.08 2.57 -20.68
C THR A 126 7.20 4.10 -20.54
N TYR A 127 7.04 4.61 -19.32
CA TYR A 127 7.19 6.03 -19.05
C TYR A 127 8.63 6.47 -19.38
N MET A 128 9.62 5.69 -18.89
CA MET A 128 11.03 5.92 -19.12
C MET A 128 11.37 5.86 -20.62
N PHE A 129 10.82 4.88 -21.34
CA PHE A 129 11.04 4.72 -22.78
C PHE A 129 10.52 5.90 -23.59
N LYS A 130 9.35 6.43 -23.21
CA LYS A 130 8.76 7.58 -23.91
C LYS A 130 9.66 8.79 -23.79
N GLY A 131 10.35 8.92 -22.64
CA GLY A 131 11.33 9.96 -22.36
C GLY A 131 12.53 9.82 -23.26
N ILE A 132 13.05 8.59 -23.41
CA ILE A 132 14.19 8.22 -24.26
C ILE A 132 13.93 8.42 -25.76
N ILE A 133 12.72 8.10 -26.24
CA ILE A 133 12.30 8.36 -27.62
C ILE A 133 12.31 9.90 -27.80
N SER A 134 11.71 10.66 -26.86
CA SER A 134 11.71 12.12 -26.92
C SER A 134 13.14 12.71 -26.97
N PHE A 135 14.06 12.17 -26.13
CA PHE A 135 15.48 12.52 -26.07
C PHE A 135 16.16 12.40 -27.44
N ALA A 136 16.13 11.18 -28.04
CA ALA A 136 16.70 10.86 -29.36
C ALA A 136 16.12 11.82 -30.45
N LYS A 137 14.76 11.92 -30.52
CA LYS A 137 13.98 12.81 -31.41
C LYS A 137 14.48 14.26 -31.40
N VAL A 138 14.86 14.80 -30.24
CA VAL A 138 15.30 16.19 -30.14
C VAL A 138 16.78 16.45 -30.57
N ILE A 139 17.55 15.36 -30.83
CA ILE A 139 18.92 15.46 -31.30
C ILE A 139 18.93 15.50 -32.82
N SER A 140 19.58 16.54 -33.41
CA SER A 140 19.72 16.76 -34.86
C SER A 140 20.41 15.59 -35.56
N TYR A 141 21.57 15.13 -35.05
CA TYR A 141 22.28 13.97 -35.61
C TYR A 141 21.40 12.71 -35.71
N PHE A 142 20.36 12.60 -34.85
CA PHE A 142 19.45 11.44 -34.84
C PHE A 142 18.27 11.66 -35.79
N ARG A 143 17.70 12.86 -35.75
CA ARG A 143 16.57 13.33 -36.52
C ARG A 143 16.90 13.26 -38.04
N ASP A 144 18.16 13.60 -38.39
CA ASP A 144 18.71 13.58 -39.75
C ASP A 144 19.08 12.17 -40.29
N LEU A 145 18.71 11.11 -39.57
CA LEU A 145 18.98 9.71 -39.97
C LEU A 145 17.67 9.10 -40.51
N PRO A 146 17.71 8.08 -41.41
CA PRO A 146 16.44 7.48 -41.90
C PRO A 146 15.60 6.86 -40.78
N ILE A 147 14.25 6.98 -40.88
CA ILE A 147 13.29 6.46 -39.90
C ILE A 147 13.61 5.02 -39.42
N GLU A 148 13.95 4.14 -40.37
CA GLU A 148 14.30 2.74 -40.11
C GLU A 148 15.54 2.62 -39.21
N ASP A 149 16.55 3.50 -39.45
CA ASP A 149 17.77 3.53 -38.63
C ASP A 149 17.43 4.00 -37.20
N GLN A 150 16.63 5.09 -37.11
CA GLN A 150 16.10 5.67 -35.87
C GLN A 150 15.38 4.59 -35.02
N ILE A 151 14.48 3.80 -35.66
CA ILE A 151 13.76 2.72 -35.03
C ILE A 151 14.75 1.70 -34.44
N SER A 152 15.66 1.20 -35.31
CA SER A 152 16.66 0.19 -34.95
C SER A 152 17.59 0.63 -33.83
N LEU A 153 18.00 1.93 -33.84
CA LEU A 153 18.85 2.50 -32.80
C LEU A 153 18.12 2.58 -31.48
N LEU A 154 16.83 2.93 -31.52
CA LEU A 154 16.01 3.00 -30.31
C LEU A 154 15.64 1.62 -29.76
N LYS A 155 15.46 0.63 -30.65
CA LYS A 155 15.14 -0.74 -30.25
C LYS A 155 16.35 -1.32 -29.52
N GLY A 156 17.54 -1.05 -30.05
CA GLY A 156 18.77 -1.55 -29.47
C GLY A 156 19.22 -0.84 -28.21
N ALA A 157 18.89 0.47 -28.06
CA ALA A 157 19.40 1.27 -26.91
C ALA A 157 18.44 1.67 -25.76
N ALA A 158 17.11 1.63 -25.98
CA ALA A 158 16.08 2.03 -24.99
C ALA A 158 16.37 1.63 -23.54
N PHE A 159 16.65 0.33 -23.29
CA PHE A 159 16.95 -0.22 -21.95
C PHE A 159 18.24 0.40 -21.36
N GLU A 160 19.30 0.49 -22.19
CA GLU A 160 20.60 1.05 -21.84
C GLU A 160 20.46 2.51 -21.37
N LEU A 161 19.72 3.33 -22.12
CA LEU A 161 19.45 4.74 -21.80
C LEU A 161 18.60 4.90 -20.54
N CYS A 162 17.67 3.98 -20.32
N CYS A 162 17.65 3.97 -20.30
CA CYS A 162 16.83 3.95 -19.11
CA CYS A 162 16.83 3.92 -19.08
C CYS A 162 17.69 3.73 -17.85
C CYS A 162 17.72 3.76 -17.84
N GLN A 163 18.62 2.74 -17.87
CA GLN A 163 19.57 2.42 -16.79
C GLN A 163 20.52 3.58 -16.50
N LEU A 164 21.05 4.22 -17.55
CA LEU A 164 21.93 5.38 -17.35
C LEU A 164 21.15 6.49 -16.68
N ARG A 165 19.89 6.74 -17.13
CA ARG A 165 18.98 7.71 -16.55
C ARG A 165 18.66 7.34 -15.09
N PHE A 166 18.33 6.05 -14.82
CA PHE A 166 18.06 5.53 -13.47
C PHE A 166 19.26 5.64 -12.55
N ASN A 167 20.48 5.56 -13.11
CA ASN A 167 21.69 5.69 -12.33
C ASN A 167 21.77 7.06 -11.68
N THR A 168 21.29 8.10 -12.37
CA THR A 168 21.30 9.46 -11.82
C THR A 168 20.40 9.66 -10.59
N VAL A 169 19.40 8.78 -10.42
CA VAL A 169 18.49 8.85 -9.24
C VAL A 169 18.82 7.80 -8.19
N PHE A 170 19.86 6.99 -8.43
CA PHE A 170 20.32 5.94 -7.54
C PHE A 170 21.11 6.47 -6.36
N ASN A 171 20.72 6.05 -5.14
CA ASN A 171 21.41 6.39 -3.89
C ASN A 171 22.18 5.10 -3.48
N ALA A 172 23.51 5.14 -3.54
CA ALA A 172 24.31 3.96 -3.23
C ALA A 172 24.47 3.71 -1.73
N GLU A 173 24.16 4.71 -0.88
CA GLU A 173 24.25 4.52 0.57
C GLU A 173 23.02 3.78 1.11
N THR A 174 21.84 4.10 0.54
CA THR A 174 20.57 3.51 0.96
C THR A 174 20.09 2.36 0.08
N GLY A 175 20.76 2.11 -1.03
CA GLY A 175 20.39 1.09 -2.02
C GLY A 175 19.01 1.40 -2.61
N THR A 176 18.76 2.67 -2.94
CA THR A 176 17.46 3.12 -3.40
C THR A 176 17.53 4.01 -4.63
N TRP A 177 16.56 3.84 -5.55
CA TRP A 177 16.38 4.69 -6.72
C TRP A 177 15.32 5.66 -6.28
N GLU A 178 15.66 6.95 -6.23
CA GLU A 178 14.76 8.00 -5.76
C GLU A 178 14.02 8.64 -6.93
N CYS A 179 12.82 8.11 -7.21
CA CYS A 179 11.99 8.53 -8.32
C CYS A 179 10.86 9.45 -7.89
N GLY A 180 11.23 10.64 -7.43
CA GLY A 180 10.28 11.63 -6.92
C GLY A 180 9.64 11.16 -5.63
N ARG A 181 8.30 10.99 -5.66
CA ARG A 181 7.46 10.50 -4.54
C ARG A 181 7.54 8.98 -4.41
N LEU A 182 8.10 8.31 -5.43
CA LEU A 182 8.27 6.86 -5.52
C LEU A 182 9.73 6.45 -5.23
N SER A 183 9.94 5.36 -4.49
CA SER A 183 11.27 4.87 -4.18
C SER A 183 11.32 3.38 -4.37
N TYR A 184 12.42 2.89 -4.91
CA TYR A 184 12.67 1.46 -5.12
C TYR A 184 13.83 1.11 -4.23
N CYS A 185 13.53 0.41 -3.12
CA CYS A 185 14.54 0.02 -2.14
CA CYS A 185 14.52 0.03 -2.12
C CYS A 185 14.96 -1.43 -2.26
N LEU A 186 16.24 -1.64 -2.53
CA LEU A 186 16.85 -2.97 -2.66
C LEU A 186 16.68 -3.71 -1.32
N GLU A 187 16.40 -5.03 -1.38
CA GLU A 187 16.22 -5.85 -0.17
C GLU A 187 17.45 -6.66 0.16
N GLN A 194 27.40 -8.50 -0.53
CA GLN A 194 27.89 -9.10 -1.78
C GLN A 194 26.91 -10.10 -2.42
N GLN A 195 25.68 -10.18 -1.88
CA GLN A 195 24.61 -11.02 -2.43
C GLN A 195 24.02 -10.31 -3.67
N LEU A 196 23.85 -8.97 -3.57
CA LEU A 196 23.35 -8.08 -4.61
C LEU A 196 24.47 -7.74 -5.60
N LEU A 197 25.74 -7.66 -5.11
CA LEU A 197 26.94 -7.39 -5.92
C LEU A 197 27.21 -8.48 -6.98
N LEU A 198 26.47 -9.61 -6.90
CA LEU A 198 26.54 -10.74 -7.82
C LEU A 198 25.60 -10.50 -9.00
N GLU A 199 24.43 -9.88 -8.71
CA GLU A 199 23.42 -9.53 -9.72
C GLU A 199 24.01 -8.46 -10.67
N PRO A 200 24.23 -8.80 -11.97
CA PRO A 200 24.86 -7.83 -12.90
C PRO A 200 24.28 -6.43 -12.93
N MET A 201 22.94 -6.29 -12.92
CA MET A 201 22.25 -4.99 -12.90
C MET A 201 22.63 -4.16 -11.69
N LEU A 202 22.66 -4.78 -10.49
CA LEU A 202 23.00 -4.05 -9.26
C LEU A 202 24.45 -3.62 -9.21
N LYS A 203 25.39 -4.52 -9.58
CA LYS A 203 26.84 -4.23 -9.60
C LYS A 203 27.15 -3.03 -10.53
N PHE A 204 26.40 -2.92 -11.66
CA PHE A 204 26.51 -1.83 -12.63
C PHE A 204 26.16 -0.48 -11.98
N HIS A 205 25.02 -0.39 -11.27
CA HIS A 205 24.59 0.84 -10.59
C HIS A 205 25.56 1.27 -9.52
N TYR A 206 26.04 0.33 -8.70
CA TYR A 206 27.01 0.62 -7.64
C TYR A 206 28.31 1.11 -8.23
N MET A 207 28.75 0.51 -9.34
CA MET A 207 30.00 0.86 -9.99
C MET A 207 29.97 2.16 -10.74
N LEU A 208 28.86 2.45 -11.44
CA LEU A 208 28.72 3.67 -12.20
C LEU A 208 28.61 4.85 -11.24
N LYS A 209 27.85 4.69 -10.15
CA LYS A 209 27.73 5.74 -9.14
C LYS A 209 29.07 6.08 -8.49
N LYS A 210 29.97 5.08 -8.38
CA LYS A 210 31.30 5.21 -7.78
C LYS A 210 32.15 6.24 -8.55
N LEU A 211 31.96 6.32 -9.89
CA LEU A 211 32.68 7.24 -10.78
C LEU A 211 32.35 8.72 -10.63
N GLN A 212 31.28 9.06 -9.87
CA GLN A 212 30.81 10.43 -9.61
C GLN A 212 30.81 11.29 -10.90
N LEU A 213 30.10 10.77 -11.92
CA LEU A 213 30.01 11.39 -13.24
C LEU A 213 29.18 12.63 -13.24
N HIS A 214 29.55 13.59 -14.10
CA HIS A 214 28.88 14.87 -14.31
C HIS A 214 27.67 14.69 -15.23
N GLU A 215 26.76 15.66 -15.23
CA GLU A 215 25.56 15.61 -16.07
C GLU A 215 25.95 15.43 -17.52
N GLU A 216 27.01 16.12 -17.97
CA GLU A 216 27.56 16.10 -19.34
C GLU A 216 28.13 14.74 -19.68
N GLU A 217 28.79 14.09 -18.73
CA GLU A 217 29.33 12.74 -18.93
C GLU A 217 28.23 11.68 -19.07
N TYR A 218 27.16 11.75 -18.25
CA TYR A 218 26.03 10.82 -18.36
C TYR A 218 25.36 10.95 -19.73
N VAL A 219 25.22 12.19 -20.18
CA VAL A 219 24.56 12.52 -21.42
C VAL A 219 25.35 12.09 -22.64
N LEU A 220 26.70 12.15 -22.51
CA LEU A 220 27.64 11.71 -23.54
C LEU A 220 27.63 10.17 -23.60
N MET A 221 27.51 9.50 -22.44
CA MET A 221 27.35 8.03 -22.38
C MET A 221 26.08 7.60 -23.12
N GLN A 222 24.97 8.38 -22.96
CA GLN A 222 23.67 8.19 -23.63
C GLN A 222 23.80 8.26 -25.14
N ALA A 223 24.52 9.27 -25.68
CA ALA A 223 24.73 9.41 -27.14
C ALA A 223 25.58 8.26 -27.70
N ILE A 224 26.66 7.89 -26.97
CA ILE A 224 27.57 6.80 -27.37
C ILE A 224 26.80 5.49 -27.51
N SER A 225 25.93 5.21 -26.53
CA SER A 225 25.07 4.04 -26.51
C SER A 225 23.99 4.13 -27.61
N LEU A 226 23.39 5.31 -27.80
CA LEU A 226 22.33 5.48 -28.82
C LEU A 226 22.87 5.29 -30.24
N PHE A 227 23.98 5.97 -30.58
CA PHE A 227 24.60 5.87 -31.91
C PHE A 227 25.54 4.66 -31.97
N SER A 228 24.98 3.46 -31.78
CA SER A 228 25.75 2.21 -31.81
C SER A 228 25.57 1.52 -33.17
N PRO A 229 26.62 1.55 -34.05
CA PRO A 229 26.49 0.99 -35.41
C PRO A 229 26.13 -0.50 -35.50
N ASP A 230 26.67 -1.29 -34.56
CA ASP A 230 26.49 -2.73 -34.46
C ASP A 230 25.11 -3.20 -33.94
N ARG A 231 24.03 -2.41 -34.17
CA ARG A 231 22.70 -2.83 -33.71
C ARG A 231 21.97 -3.61 -34.79
N PRO A 232 21.20 -4.67 -34.44
CA PRO A 232 20.43 -5.40 -35.46
C PRO A 232 19.51 -4.48 -36.27
N GLY A 233 19.65 -4.49 -37.59
CA GLY A 233 18.83 -3.71 -38.51
C GLY A 233 19.35 -2.35 -38.92
N VAL A 234 20.54 -1.97 -38.41
CA VAL A 234 21.12 -0.67 -38.77
C VAL A 234 21.64 -0.71 -40.23
N LEU A 235 21.18 0.24 -41.07
CA LEU A 235 21.60 0.31 -42.47
C LEU A 235 22.83 1.21 -42.60
N GLN A 236 22.70 2.52 -42.31
CA GLN A 236 23.80 3.48 -42.41
C GLN A 236 24.85 3.32 -41.30
N HIS A 237 25.51 2.14 -41.27
CA HIS A 237 26.54 1.75 -40.30
C HIS A 237 27.70 2.75 -40.23
N ARG A 238 28.16 3.24 -41.41
CA ARG A 238 29.28 4.17 -41.55
C ARG A 238 29.02 5.51 -40.85
N VAL A 239 27.86 6.13 -41.12
CA VAL A 239 27.43 7.43 -40.57
C VAL A 239 27.34 7.36 -39.03
N VAL A 240 26.64 6.31 -38.51
CA VAL A 240 26.44 6.04 -37.08
C VAL A 240 27.80 5.85 -36.37
N ASP A 241 28.76 5.14 -37.02
CA ASP A 241 30.11 4.91 -36.50
C ASP A 241 30.88 6.22 -36.39
N GLN A 242 30.76 7.10 -37.41
CA GLN A 242 31.41 8.41 -37.40
C GLN A 242 30.78 9.33 -36.35
N LEU A 243 29.44 9.22 -36.16
CA LEU A 243 28.72 9.97 -35.12
C LEU A 243 29.13 9.53 -33.71
N GLN A 244 29.15 8.21 -33.45
CA GLN A 244 29.57 7.64 -32.15
C GLN A 244 30.97 8.06 -31.81
N GLU A 245 31.92 7.96 -32.79
CA GLU A 245 33.32 8.32 -32.59
C GLU A 245 33.47 9.79 -32.22
N GLN A 246 32.66 10.68 -32.84
CA GLN A 246 32.69 12.12 -32.47
C GLN A 246 32.18 12.35 -31.05
N PHE A 247 31.15 11.57 -30.61
CA PHE A 247 30.65 11.70 -29.24
C PHE A 247 31.74 11.19 -28.27
N ALA A 248 32.39 10.05 -28.63
CA ALA A 248 33.47 9.45 -27.83
C ALA A 248 34.65 10.39 -27.70
N ILE A 249 35.06 11.06 -28.82
CA ILE A 249 36.15 12.07 -28.85
C ILE A 249 35.77 13.24 -27.93
N THR A 250 34.53 13.76 -28.05
CA THR A 250 34.02 14.85 -27.18
C THR A 250 34.07 14.47 -25.68
N LEU A 251 33.74 13.19 -25.32
CA LEU A 251 33.78 12.72 -23.92
C LEU A 251 35.21 12.72 -23.39
N LYS A 252 36.16 12.12 -24.17
CA LYS A 252 37.61 12.07 -23.91
C LYS A 252 38.10 13.53 -23.71
N SER A 253 37.79 14.42 -24.69
CA SER A 253 38.16 15.83 -24.61
C SER A 253 37.56 16.53 -23.39
N TYR A 254 36.27 16.28 -23.06
CA TYR A 254 35.63 16.87 -21.89
C TYR A 254 36.37 16.46 -20.59
N ILE A 255 36.77 15.17 -20.47
CA ILE A 255 37.51 14.65 -19.30
C ILE A 255 38.89 15.34 -19.15
N GLU A 256 39.66 15.50 -20.24
CA GLU A 256 40.98 16.18 -20.24
C GLU A 256 40.88 17.64 -19.71
N CYS A 257 39.86 18.41 -20.20
CA CYS A 257 39.63 19.81 -19.87
C CYS A 257 39.06 20.05 -18.47
N ASN A 258 38.08 19.24 -18.04
CA ASN A 258 37.39 19.45 -16.78
C ASN A 258 37.88 18.70 -15.57
N ARG A 259 38.81 17.75 -15.73
CA ARG A 259 39.27 16.95 -14.60
C ARG A 259 40.79 16.88 -14.37
N PRO A 260 41.21 17.09 -13.12
CA PRO A 260 42.57 17.14 -12.58
C PRO A 260 43.50 16.06 -13.10
N GLN A 261 44.79 16.22 -12.80
CA GLN A 261 45.80 15.26 -13.20
C GLN A 261 46.41 14.58 -11.99
N PRO A 262 46.79 13.30 -12.15
CA PRO A 262 46.08 12.44 -13.09
C PRO A 262 45.19 11.41 -12.40
N ALA A 263 44.26 11.85 -11.55
CA ALA A 263 43.41 10.89 -10.88
C ALA A 263 42.47 10.26 -11.90
N HIS A 264 42.00 11.12 -12.80
CA HIS A 264 41.10 10.81 -13.91
C HIS A 264 41.74 10.47 -15.23
N ARG A 265 42.87 10.01 -15.11
CA ARG A 265 43.68 9.58 -16.25
C ARG A 265 42.97 8.57 -17.18
N PHE A 266 42.30 7.57 -16.58
CA PHE A 266 41.62 6.53 -17.33
C PHE A 266 40.10 6.56 -17.16
N LEU A 267 39.55 7.67 -16.63
CA LEU A 267 38.10 7.80 -16.44
C LEU A 267 37.31 7.51 -17.72
N PHE A 268 37.81 7.97 -18.87
CA PHE A 268 37.19 7.73 -20.15
C PHE A 268 37.10 6.26 -20.45
N LEU A 269 38.20 5.51 -20.22
CA LEU A 269 38.25 4.07 -20.50
C LEU A 269 37.39 3.28 -19.53
N LYS A 270 37.28 3.77 -18.30
CA LYS A 270 36.43 3.20 -17.26
C LYS A 270 34.97 3.34 -17.73
N ILE A 271 34.61 4.51 -18.30
CA ILE A 271 33.28 4.78 -18.86
C ILE A 271 32.97 3.84 -20.03
N MET A 272 33.93 3.63 -20.93
CA MET A 272 33.75 2.73 -22.09
C MET A 272 33.57 1.29 -21.66
N ALA A 273 34.22 0.88 -20.54
CA ALA A 273 34.11 -0.46 -19.97
C ALA A 273 32.69 -0.67 -19.43
N MET A 274 32.15 0.33 -18.73
CA MET A 274 30.79 0.35 -18.18
C MET A 274 29.74 0.16 -19.29
N LEU A 275 29.95 0.80 -20.45
CA LEU A 275 29.07 0.70 -21.62
C LEU A 275 29.09 -0.69 -22.25
N THR A 276 30.23 -1.38 -22.20
CA THR A 276 30.42 -2.73 -22.72
C THR A 276 29.60 -3.68 -21.84
N GLU A 277 29.72 -3.50 -20.52
CA GLU A 277 28.99 -4.23 -19.48
C GLU A 277 27.49 -3.97 -19.61
N LEU A 278 27.09 -2.68 -19.81
CA LEU A 278 25.71 -2.26 -20.01
C LEU A 278 25.08 -2.99 -21.21
N ARG A 279 25.83 -3.13 -22.32
CA ARG A 279 25.38 -3.86 -23.51
C ARG A 279 25.22 -5.38 -23.19
N SER A 280 26.06 -5.92 -22.30
CA SER A 280 25.98 -7.33 -21.91
C SER A 280 24.75 -7.56 -21.01
N ILE A 281 24.41 -6.59 -20.12
CA ILE A 281 23.21 -6.62 -19.26
C ILE A 281 21.96 -6.49 -20.15
N ASN A 282 22.05 -5.68 -21.21
CA ASN A 282 20.98 -5.49 -22.18
C ASN A 282 20.60 -6.80 -22.88
N ALA A 283 21.60 -7.61 -23.28
CA ALA A 283 21.37 -8.91 -23.93
C ALA A 283 20.73 -9.87 -22.91
N GLN A 284 21.23 -9.86 -21.66
CA GLN A 284 20.70 -10.66 -20.55
C GLN A 284 19.24 -10.29 -20.33
N HIS A 285 18.96 -8.99 -20.09
CA HIS A 285 17.63 -8.45 -19.87
C HIS A 285 16.60 -8.75 -20.98
N THR A 286 17.01 -8.79 -22.25
CA THR A 286 16.07 -9.12 -23.33
C THR A 286 15.60 -10.58 -23.25
N GLN A 287 16.53 -11.50 -22.93
CA GLN A 287 16.24 -12.92 -22.82
C GLN A 287 15.37 -13.14 -21.61
N ARG A 288 15.66 -12.38 -20.52
CA ARG A 288 14.90 -12.43 -19.27
C ARG A 288 13.46 -12.03 -19.51
N LEU A 289 13.23 -10.82 -20.06
CA LEU A 289 11.90 -10.27 -20.34
C LEU A 289 11.07 -11.19 -21.23
N LEU A 290 11.64 -11.68 -22.36
CA LEU A 290 10.98 -12.55 -23.33
C LEU A 290 10.52 -13.86 -22.70
N ARG A 291 11.33 -14.46 -21.82
CA ARG A 291 10.98 -15.68 -21.10
C ARG A 291 9.76 -15.48 -20.21
N ILE A 292 9.71 -14.36 -19.45
CA ILE A 292 8.60 -14.01 -18.56
C ILE A 292 7.36 -13.70 -19.40
N GLN A 293 7.54 -12.93 -20.47
CA GLN A 293 6.44 -12.56 -21.39
C GLN A 293 5.82 -13.82 -21.98
N ASP A 294 6.66 -14.82 -22.29
CA ASP A 294 6.27 -16.11 -22.87
C ASP A 294 5.28 -16.88 -22.00
N ILE A 295 5.47 -16.88 -20.68
CA ILE A 295 4.60 -17.58 -19.73
C ILE A 295 3.57 -16.69 -19.04
N HIS A 296 3.87 -15.39 -18.92
CA HIS A 296 3.02 -14.40 -18.25
C HIS A 296 3.02 -13.06 -19.03
N PRO A 297 2.08 -12.88 -19.99
CA PRO A 297 2.08 -11.63 -20.78
C PRO A 297 1.90 -10.39 -19.90
N PHE A 298 2.80 -9.42 -20.03
CA PHE A 298 2.77 -8.24 -19.17
C PHE A 298 3.25 -6.98 -19.89
N ALA A 299 4.09 -7.12 -20.93
CA ALA A 299 4.62 -5.97 -21.63
C ALA A 299 3.53 -5.10 -22.29
N THR A 300 3.67 -3.78 -22.16
CA THR A 300 2.74 -2.80 -22.76
C THR A 300 2.93 -2.77 -24.30
N PRO A 301 2.01 -2.16 -25.09
CA PRO A 301 2.20 -2.13 -26.55
C PRO A 301 3.56 -1.60 -27.04
N LEU A 302 4.09 -0.52 -26.43
CA LEU A 302 5.40 0.06 -26.78
C LEU A 302 6.56 -0.88 -26.45
N MET A 303 6.44 -1.61 -25.30
CA MET A 303 7.42 -2.63 -24.88
C MET A 303 7.44 -3.81 -25.86
N GLN A 304 6.29 -4.19 -26.43
CA GLN A 304 6.26 -5.31 -27.38
C GLN A 304 7.03 -4.92 -28.64
N GLU A 305 6.83 -3.68 -29.10
CA GLU A 305 7.49 -3.14 -30.27
C GLU A 305 9.00 -3.10 -30.08
N LEU A 306 9.46 -2.55 -28.92
CA LEU A 306 10.89 -2.42 -28.59
C LEU A 306 11.61 -3.75 -28.40
N PHE A 307 10.95 -4.73 -27.78
CA PHE A 307 11.55 -6.03 -27.51
C PHE A 307 11.33 -7.14 -28.55
N GLY A 308 10.44 -6.89 -29.52
CA GLY A 308 10.13 -7.83 -30.58
C GLY A 308 9.09 -8.87 -30.22
N ILE A 309 8.13 -8.50 -29.35
CA ILE A 309 7.04 -9.38 -28.97
C ILE A 309 5.92 -9.19 -30.01
N THR A 310 5.37 -10.30 -30.53
CA THR A 310 4.32 -10.28 -31.57
C THR A 310 2.95 -9.82 -31.03
N SER A 323 9.63 -2.65 -43.95
CA SER A 323 8.56 -3.25 -43.15
C SER A 323 8.77 -3.02 -41.64
N LEU A 324 9.82 -2.25 -41.26
CA LEU A 324 10.09 -1.93 -39.86
C LEU A 324 8.99 -0.99 -39.35
N THR A 325 8.58 0.01 -40.17
CA THR A 325 7.50 0.95 -39.82
C THR A 325 6.15 0.24 -39.67
N GLU A 326 5.97 -0.90 -40.39
CA GLU A 326 4.76 -1.73 -40.32
C GLU A 326 4.74 -2.55 -39.01
N ARG A 327 5.90 -3.10 -38.62
CA ARG A 327 6.03 -3.89 -37.40
C ARG A 327 6.20 -3.02 -36.14
N HIS A 328 6.45 -1.68 -36.31
CA HIS A 328 6.68 -0.72 -35.22
C HIS A 328 5.82 0.56 -35.33
N LYS A 329 4.49 0.40 -35.47
CA LYS A 329 3.55 1.52 -35.64
C LYS A 329 3.51 2.57 -34.48
N ILE A 330 3.65 2.14 -33.20
CA ILE A 330 3.69 3.08 -32.06
C ILE A 330 4.99 3.92 -32.12
N LEU A 331 6.12 3.26 -32.38
CA LEU A 331 7.41 3.94 -32.47
C LEU A 331 7.45 5.00 -33.58
N HIS A 332 6.90 4.63 -34.77
CA HIS A 332 6.82 5.51 -35.94
C HIS A 332 5.97 6.74 -35.64
N ARG A 333 4.81 6.55 -34.98
CA ARG A 333 3.93 7.62 -34.57
C ARG A 333 4.71 8.59 -33.66
N LEU A 334 5.34 8.04 -32.61
CA LEU A 334 6.10 8.79 -31.61
C LEU A 334 7.24 9.58 -32.20
N LEU A 335 7.89 9.03 -33.25
CA LEU A 335 9.02 9.66 -33.94
C LEU A 335 8.62 10.77 -34.92
N GLN A 336 7.38 10.70 -35.44
CA GLN A 336 6.81 11.66 -36.40
C GLN A 336 5.92 12.74 -35.76
N GLU A 337 5.72 12.69 -34.41
CA GLU A 337 4.89 13.63 -33.65
C GLU A 337 5.44 15.06 -33.62
N GLY B 20 -22.56 -24.94 41.38
CA GLY B 20 -22.49 -25.22 39.94
C GLY B 20 -23.45 -24.40 39.10
N LEU B 21 -23.35 -24.51 37.77
CA LEU B 21 -24.26 -23.78 36.87
C LEU B 21 -25.54 -24.56 36.68
N THR B 22 -26.68 -23.85 36.73
CA THR B 22 -27.99 -24.45 36.49
C THR B 22 -28.09 -24.86 35.02
N GLU B 23 -29.11 -25.65 34.64
CA GLU B 23 -29.30 -26.06 33.25
C GLU B 23 -29.68 -24.83 32.40
N GLU B 24 -30.49 -23.91 32.97
CA GLU B 24 -30.94 -22.66 32.31
C GLU B 24 -29.77 -21.70 32.03
N GLN B 25 -28.75 -21.68 32.92
CA GLN B 25 -27.55 -20.87 32.81
C GLN B 25 -26.64 -21.45 31.73
N ARG B 26 -26.43 -22.79 31.75
CA ARG B 26 -25.62 -23.51 30.78
C ARG B 26 -26.15 -23.33 29.37
N MET B 27 -27.50 -23.38 29.19
CA MET B 27 -28.14 -23.21 27.89
C MET B 27 -27.97 -21.77 27.40
N MET B 28 -28.08 -20.81 28.34
CA MET B 28 -27.94 -19.37 28.09
C MET B 28 -26.56 -19.06 27.50
N ILE B 29 -25.49 -19.59 28.12
CA ILE B 29 -24.10 -19.42 27.70
C ILE B 29 -23.89 -20.05 26.33
N ARG B 30 -24.34 -21.30 26.18
CA ARG B 30 -24.31 -22.08 24.95
C ARG B 30 -24.88 -21.29 23.75
N GLU B 31 -26.07 -20.69 23.95
CA GLU B 31 -26.78 -19.91 22.95
C GLU B 31 -26.00 -18.68 22.54
N LEU B 32 -25.43 -17.94 23.53
CA LEU B 32 -24.67 -16.71 23.27
C LEU B 32 -23.37 -17.05 22.57
N MET B 33 -22.76 -18.18 22.98
CA MET B 33 -21.51 -18.66 22.42
C MET B 33 -21.68 -19.07 20.98
N ASP B 34 -22.83 -19.69 20.68
CA ASP B 34 -23.23 -20.14 19.36
C ASP B 34 -23.53 -18.91 18.50
N ALA B 35 -24.19 -17.89 19.10
CA ALA B 35 -24.50 -16.62 18.42
C ALA B 35 -23.21 -15.84 18.10
N GLN B 36 -22.22 -15.88 19.03
CA GLN B 36 -20.92 -15.22 18.85
C GLN B 36 -20.19 -15.86 17.65
N MET B 37 -20.04 -17.21 17.64
CA MET B 37 -19.37 -17.86 16.52
C MET B 37 -20.05 -17.69 15.15
N LYS B 38 -21.39 -17.75 15.10
CA LYS B 38 -22.18 -17.55 13.86
C LYS B 38 -22.03 -16.17 13.25
N THR B 39 -21.80 -15.14 14.09
CA THR B 39 -21.81 -13.73 13.70
C THR B 39 -20.49 -12.94 13.83
N PHE B 40 -19.44 -13.56 14.37
CA PHE B 40 -18.16 -12.88 14.52
C PHE B 40 -17.12 -13.58 13.68
N ASP B 41 -16.70 -12.90 12.63
CA ASP B 41 -15.69 -13.41 11.70
C ASP B 41 -14.40 -12.80 12.24
N THR B 42 -13.76 -13.55 13.12
CA THR B 42 -12.54 -13.17 13.85
C THR B 42 -11.35 -13.00 12.90
N THR B 43 -11.33 -13.80 11.80
CA THR B 43 -10.31 -13.73 10.75
C THR B 43 -10.53 -12.58 9.75
N PHE B 44 -11.72 -11.94 9.78
CA PHE B 44 -12.11 -10.79 8.93
C PHE B 44 -12.07 -11.07 7.39
N SER B 45 -12.24 -12.35 7.03
CA SER B 45 -12.21 -12.85 5.66
C SER B 45 -13.30 -12.35 4.72
N HIS B 46 -14.42 -11.82 5.25
CA HIS B 46 -15.53 -11.30 4.45
C HIS B 46 -15.60 -9.79 4.47
N PHE B 47 -14.58 -9.14 5.09
CA PHE B 47 -14.41 -7.69 5.10
C PHE B 47 -13.64 -7.33 3.82
N LYS B 48 -14.38 -6.85 2.79
CA LYS B 48 -13.81 -6.50 1.48
C LYS B 48 -14.47 -5.26 0.85
N ASN B 49 -13.86 -4.73 -0.24
CA ASN B 49 -14.34 -3.55 -0.98
C ASN B 49 -14.47 -2.30 -0.09
N PHE B 50 -13.48 -2.14 0.78
CA PHE B 50 -13.39 -1.04 1.72
C PHE B 50 -12.45 0.03 1.17
N ARG B 51 -12.76 1.29 1.46
CA ARG B 51 -11.95 2.43 1.06
C ARG B 51 -10.64 2.42 1.85
N LEU B 52 -9.58 2.99 1.26
CA LEU B 52 -8.25 3.09 1.84
C LEU B 52 -7.72 4.50 1.62
N PRO B 53 -6.81 5.01 2.47
CA PRO B 53 -6.29 6.37 2.21
C PRO B 53 -5.54 6.36 0.87
N GLY B 54 -5.75 7.41 0.08
CA GLY B 54 -5.15 7.58 -1.24
C GLY B 54 -3.64 7.56 -1.30
N VAL B 55 -3.12 7.04 -2.41
CA VAL B 55 -1.70 6.92 -2.77
C VAL B 55 -1.30 8.11 -3.68
N ALA B 74 -14.85 29.62 13.42
CA ALA B 74 -15.23 28.29 13.86
C ALA B 74 -14.14 27.66 14.75
N ALA B 75 -14.41 27.57 16.06
CA ALA B 75 -13.52 26.98 17.07
C ALA B 75 -13.72 25.45 17.16
N LYS B 76 -14.66 24.92 16.34
CA LYS B 76 -15.00 23.51 16.23
C LYS B 76 -13.82 22.72 15.65
N TRP B 77 -13.06 23.34 14.71
CA TRP B 77 -11.89 22.76 14.07
C TRP B 77 -10.75 22.48 15.05
N SER B 78 -10.58 23.34 16.06
CA SER B 78 -9.56 23.18 17.11
C SER B 78 -9.91 21.99 18.03
N GLN B 79 -11.22 21.68 18.20
CA GLN B 79 -11.70 20.56 19.01
C GLN B 79 -11.73 19.25 18.21
N VAL B 80 -12.21 19.29 16.95
CA VAL B 80 -12.26 18.12 16.06
C VAL B 80 -10.86 17.54 15.82
N ARG B 81 -9.82 18.41 15.73
CA ARG B 81 -8.42 18.01 15.58
C ARG B 81 -7.93 17.34 16.87
N LYS B 82 -8.41 17.82 18.05
CA LYS B 82 -8.07 17.26 19.37
C LYS B 82 -8.68 15.88 19.57
N ASP B 83 -9.82 15.60 18.90
CA ASP B 83 -10.49 14.31 18.94
C ASP B 83 -9.64 13.27 18.15
N LEU B 84 -9.33 13.57 16.86
CA LEU B 84 -8.58 12.73 15.92
C LEU B 84 -7.10 12.46 16.22
N CYS B 85 -6.35 13.48 16.70
CA CYS B 85 -4.91 13.38 16.99
C CYS B 85 -4.50 12.35 18.06
N SER B 86 -5.27 12.24 19.15
CA SER B 86 -4.99 11.32 20.27
C SER B 86 -5.09 9.82 19.91
N LEU B 87 -5.89 9.49 18.88
CA LEU B 87 -6.12 8.12 18.41
C LEU B 87 -5.38 7.91 17.08
N LYS B 88 -4.02 7.94 17.10
CA LYS B 88 -3.17 7.77 15.92
C LYS B 88 -2.69 6.32 15.69
N VAL B 89 -3.07 5.73 14.52
CA VAL B 89 -2.70 4.36 14.10
C VAL B 89 -2.11 4.30 12.70
N SER B 90 -1.23 3.31 12.49
CA SER B 90 -0.70 2.96 11.18
C SER B 90 -1.46 1.68 10.74
N LEU B 91 -1.70 1.53 9.43
CA LEU B 91 -2.45 0.41 8.89
C LEU B 91 -1.56 -0.58 8.15
N GLN B 92 -1.76 -1.88 8.39
CA GLN B 92 -1.00 -2.92 7.70
C GLN B 92 -1.96 -3.87 6.98
N LEU B 93 -1.58 -4.33 5.78
CA LEU B 93 -2.40 -5.21 4.96
C LEU B 93 -1.56 -6.35 4.45
N ARG B 94 -1.75 -7.56 4.97
CA ARG B 94 -1.01 -8.75 4.54
C ARG B 94 -1.80 -9.52 3.49
N GLY B 95 -1.22 -9.66 2.30
CA GLY B 95 -1.78 -10.46 1.22
C GLY B 95 -1.53 -11.93 1.45
N GLU B 96 -2.37 -12.80 0.85
CA GLU B 96 -2.27 -14.27 0.94
C GLU B 96 -0.89 -14.79 0.53
N ASP B 97 -0.24 -14.08 -0.42
CA ASP B 97 1.08 -14.36 -0.99
C ASP B 97 2.23 -14.13 -0.01
N GLY B 98 2.00 -13.31 1.01
CA GLY B 98 3.01 -12.94 1.99
C GLY B 98 3.37 -11.46 1.90
N SER B 99 2.93 -10.79 0.79
CA SER B 99 3.14 -9.37 0.48
C SER B 99 2.49 -8.49 1.53
N VAL B 100 3.14 -7.36 1.86
CA VAL B 100 2.65 -6.46 2.90
C VAL B 100 2.56 -5.01 2.44
N TRP B 101 1.35 -4.42 2.54
CA TRP B 101 1.12 -3.02 2.27
C TRP B 101 1.01 -2.31 3.63
N ASN B 102 1.97 -1.43 3.95
CA ASN B 102 1.94 -0.65 5.19
C ASN B 102 1.66 0.83 4.93
N TYR B 103 0.71 1.41 5.69
CA TYR B 103 0.34 2.82 5.63
C TYR B 103 0.76 3.55 6.92
N LYS B 104 1.61 4.58 6.81
CA LYS B 104 2.00 5.44 7.94
C LYS B 104 1.21 6.72 7.74
N PRO B 105 0.47 7.20 8.77
CA PRO B 105 -0.37 8.41 8.57
C PRO B 105 0.41 9.74 8.48
N PRO B 106 -0.19 10.80 7.88
CA PRO B 106 0.50 12.10 7.86
C PRO B 106 0.36 12.84 9.21
N ALA B 107 1.31 13.75 9.52
CA ALA B 107 1.28 14.60 10.73
C ALA B 107 0.27 15.77 10.55
N ASP B 108 -0.05 16.50 11.65
CA ASP B 108 -1.04 17.61 11.67
C ASP B 108 -0.68 18.88 10.84
N SER B 109 -1.39 20.01 11.12
CA SER B 109 -1.29 21.34 10.52
C SER B 109 -1.47 21.36 8.97
N GLY B 110 -2.71 21.40 8.49
CA GLY B 110 -3.93 21.41 9.29
C GLY B 110 -5.07 22.26 8.74
N GLY B 111 -5.71 21.83 7.65
CA GLY B 111 -5.39 20.62 6.90
C GLY B 111 -6.37 19.47 7.03
N LYS B 112 -6.92 19.04 5.87
CA LYS B 112 -7.88 17.94 5.72
C LYS B 112 -7.19 16.56 5.68
N GLU B 113 -5.86 16.52 5.89
CA GLU B 113 -5.06 15.28 5.90
C GLU B 113 -5.33 14.41 7.15
N ILE B 114 -5.91 15.01 8.20
CA ILE B 114 -6.31 14.35 9.45
C ILE B 114 -7.52 13.40 9.24
N PHE B 115 -8.26 13.55 8.10
CA PHE B 115 -9.42 12.77 7.71
C PHE B 115 -9.09 11.64 6.70
N SER B 116 -7.81 11.24 6.60
CA SER B 116 -7.34 10.21 5.67
C SER B 116 -7.89 8.81 5.95
N LEU B 117 -7.85 8.38 7.23
CA LEU B 117 -8.34 7.06 7.65
C LEU B 117 -9.85 6.95 7.88
N LEU B 118 -10.57 8.10 7.89
CA LEU B 118 -12.02 8.15 8.11
C LEU B 118 -12.89 7.33 7.18
N PRO B 119 -12.74 7.35 5.83
CA PRO B 119 -13.58 6.47 4.99
C PRO B 119 -13.35 4.99 5.31
N HIS B 120 -12.07 4.61 5.56
CA HIS B 120 -11.71 3.25 5.92
C HIS B 120 -12.34 2.84 7.23
N MET B 121 -12.15 3.67 8.29
CA MET B 121 -12.69 3.44 9.63
C MET B 121 -14.19 3.26 9.59
N ALA B 122 -14.88 4.05 8.74
CA ALA B 122 -16.32 3.94 8.59
C ALA B 122 -16.71 2.61 7.95
N ASP B 123 -15.91 2.10 7.01
CA ASP B 123 -16.15 0.81 6.36
C ASP B 123 -15.98 -0.35 7.33
N MET B 124 -14.94 -0.28 8.17
CA MET B 124 -14.65 -1.27 9.21
C MET B 124 -15.77 -1.27 10.29
N SER B 125 -16.21 -0.07 10.71
CA SER B 125 -17.27 0.12 11.70
C SER B 125 -18.57 -0.49 11.21
N THR B 126 -18.97 -0.16 9.99
CA THR B 126 -20.20 -0.67 9.34
C THR B 126 -20.17 -2.21 9.31
N TYR B 127 -19.02 -2.81 8.90
CA TYR B 127 -18.87 -4.27 8.86
C TYR B 127 -19.03 -4.92 10.27
N MET B 128 -18.48 -4.27 11.33
CA MET B 128 -18.57 -4.74 12.72
C MET B 128 -20.00 -4.65 13.24
N PHE B 129 -20.65 -3.49 12.97
CA PHE B 129 -22.05 -3.20 13.33
C PHE B 129 -23.00 -4.21 12.70
N LYS B 130 -22.71 -4.67 11.46
CA LYS B 130 -23.51 -5.68 10.77
C LYS B 130 -23.38 -7.06 11.44
N GLY B 131 -22.22 -7.35 12.03
CA GLY B 131 -21.99 -8.58 12.77
C GLY B 131 -22.67 -8.55 14.13
N ILE B 132 -22.69 -7.34 14.76
CA ILE B 132 -23.36 -7.03 16.04
C ILE B 132 -24.88 -7.15 15.85
N ILE B 133 -25.40 -6.65 14.69
CA ILE B 133 -26.83 -6.75 14.33
C ILE B 133 -27.21 -8.23 14.21
N SER B 134 -26.41 -9.00 13.43
CA SER B 134 -26.59 -10.43 13.26
C SER B 134 -26.55 -11.16 14.61
N PHE B 135 -25.59 -10.77 15.49
CA PHE B 135 -25.46 -11.32 16.84
C PHE B 135 -26.76 -11.22 17.61
N ALA B 136 -27.35 -10.01 17.66
CA ALA B 136 -28.61 -9.73 18.36
C ALA B 136 -29.76 -10.56 17.81
N LYS B 137 -29.90 -10.60 16.45
CA LYS B 137 -30.93 -11.37 15.70
C LYS B 137 -30.98 -12.86 16.04
N VAL B 138 -29.84 -13.52 16.22
CA VAL B 138 -29.85 -14.95 16.51
C VAL B 138 -30.14 -15.25 17.99
N ILE B 139 -30.32 -14.19 18.81
CA ILE B 139 -30.67 -14.40 20.21
C ILE B 139 -32.20 -14.34 20.41
N SER B 140 -32.78 -15.50 20.83
CA SER B 140 -34.20 -15.72 21.14
C SER B 140 -34.75 -14.65 22.04
N TYR B 141 -34.04 -14.33 23.15
CA TYR B 141 -34.44 -13.30 24.11
C TYR B 141 -34.64 -11.92 23.44
N PHE B 142 -33.83 -11.60 22.39
CA PHE B 142 -33.87 -10.35 21.64
C PHE B 142 -34.93 -10.35 20.54
N ARG B 143 -35.07 -11.46 19.82
CA ARG B 143 -36.03 -11.68 18.73
C ARG B 143 -37.47 -11.50 19.21
N ASP B 144 -37.79 -12.03 20.40
CA ASP B 144 -39.11 -11.96 21.03
C ASP B 144 -39.42 -10.56 21.57
N LEU B 145 -38.75 -9.53 21.04
CA LEU B 145 -39.01 -8.16 21.47
C LEU B 145 -39.66 -7.43 20.32
N PRO B 146 -40.55 -6.44 20.61
CA PRO B 146 -41.12 -5.66 19.50
C PRO B 146 -40.02 -4.96 18.70
N ILE B 147 -40.11 -4.99 17.35
CA ILE B 147 -39.17 -4.38 16.42
C ILE B 147 -38.57 -3.01 16.82
N GLU B 148 -39.37 -2.15 17.50
CA GLU B 148 -38.97 -0.80 17.95
C GLU B 148 -37.95 -0.86 19.08
N ASP B 149 -38.07 -1.86 19.95
CA ASP B 149 -37.12 -2.03 21.03
C ASP B 149 -35.84 -2.64 20.51
N GLN B 150 -35.96 -3.54 19.53
CA GLN B 150 -34.83 -4.15 18.86
C GLN B 150 -33.93 -3.06 18.30
N ILE B 151 -34.54 -2.07 17.61
CA ILE B 151 -33.85 -0.90 17.04
C ILE B 151 -33.23 -0.04 18.16
N SER B 152 -34.01 0.27 19.22
CA SER B 152 -33.61 1.10 20.36
C SER B 152 -32.38 0.56 21.11
N LEU B 153 -32.36 -0.77 21.38
CA LEU B 153 -31.26 -1.49 22.04
C LEU B 153 -30.01 -1.49 21.13
N LEU B 154 -30.21 -1.78 19.83
CA LEU B 154 -29.15 -1.78 18.83
C LEU B 154 -28.50 -0.41 18.64
N LYS B 155 -29.31 0.65 18.62
CA LYS B 155 -28.81 2.03 18.53
C LYS B 155 -28.01 2.39 19.77
N GLY B 156 -28.43 1.91 20.92
CA GLY B 156 -27.73 2.21 22.16
C GLY B 156 -26.45 1.42 22.41
N ALA B 157 -26.36 0.16 21.92
CA ALA B 157 -25.24 -0.74 22.19
C ALA B 157 -24.22 -1.04 21.07
N ALA B 158 -24.53 -0.70 19.81
CA ALA B 158 -23.66 -1.00 18.67
C ALA B 158 -22.18 -0.75 18.94
N PHE B 159 -21.82 0.50 19.31
CA PHE B 159 -20.43 0.91 19.59
C PHE B 159 -19.82 0.10 20.76
N GLU B 160 -20.59 -0.05 21.83
CA GLU B 160 -20.21 -0.80 23.02
C GLU B 160 -19.90 -2.25 22.70
N LEU B 161 -20.70 -2.89 21.85
CA LEU B 161 -20.52 -4.28 21.47
C LEU B 161 -19.34 -4.45 20.53
N CYS B 162 -19.10 -3.42 19.73
CA CYS B 162 -18.01 -3.35 18.77
C CYS B 162 -16.68 -3.30 19.51
N GLN B 163 -16.61 -2.42 20.53
CA GLN B 163 -15.46 -2.26 21.41
C GLN B 163 -15.12 -3.56 22.14
N LEU B 164 -16.16 -4.30 22.60
CA LEU B 164 -15.99 -5.59 23.26
C LEU B 164 -15.41 -6.64 22.35
N ARG B 165 -15.88 -6.71 21.09
CA ARG B 165 -15.37 -7.62 20.08
C ARG B 165 -13.92 -7.21 19.62
N PHE B 166 -13.63 -5.90 19.50
CA PHE B 166 -12.28 -5.42 19.12
C PHE B 166 -11.27 -5.74 20.20
N ASN B 167 -11.68 -5.71 21.47
CA ASN B 167 -10.78 -6.05 22.56
C ASN B 167 -10.21 -7.46 22.50
N THR B 168 -11.00 -8.42 21.95
CA THR B 168 -10.63 -9.83 21.79
C THR B 168 -9.53 -10.02 20.73
N VAL B 169 -9.42 -9.08 19.76
CA VAL B 169 -8.40 -9.09 18.67
C VAL B 169 -7.23 -8.11 19.00
N PHE B 170 -7.28 -7.47 20.19
CA PHE B 170 -6.28 -6.52 20.64
C PHE B 170 -5.13 -7.22 21.33
N ASN B 171 -3.92 -6.90 20.88
CA ASN B 171 -2.65 -7.39 21.40
C ASN B 171 -2.11 -6.23 22.22
N ALA B 172 -2.05 -6.39 23.55
CA ALA B 172 -1.54 -5.37 24.47
C ALA B 172 0.00 -5.26 24.46
N GLU B 173 0.70 -6.33 24.06
CA GLU B 173 2.17 -6.33 24.00
C GLU B 173 2.69 -5.41 22.87
N THR B 174 1.95 -5.30 21.76
CA THR B 174 2.30 -4.50 20.59
C THR B 174 1.40 -3.28 20.36
N GLY B 175 0.25 -3.21 21.04
CA GLY B 175 -0.72 -2.14 20.83
C GLY B 175 -1.33 -2.24 19.43
N THR B 176 -1.76 -3.44 19.05
CA THR B 176 -2.28 -3.71 17.72
C THR B 176 -3.57 -4.50 17.77
N TRP B 177 -4.57 -4.06 16.98
CA TRP B 177 -5.79 -4.79 16.75
C TRP B 177 -5.50 -5.63 15.53
N GLU B 178 -5.34 -6.95 15.74
CA GLU B 178 -5.02 -7.97 14.75
C GLU B 178 -6.31 -8.53 14.16
N CYS B 179 -6.84 -7.83 13.14
CA CYS B 179 -8.08 -8.12 12.45
C CYS B 179 -7.83 -8.92 11.17
N GLY B 180 -7.31 -10.13 11.33
CA GLY B 180 -7.01 -11.01 10.20
C GLY B 180 -5.85 -10.49 9.41
N ARG B 181 -6.07 -10.19 8.11
CA ARG B 181 -5.08 -9.64 7.16
C ARG B 181 -4.77 -8.16 7.49
N LEU B 182 -5.74 -7.46 8.14
CA LEU B 182 -5.63 -6.07 8.53
C LEU B 182 -5.06 -5.96 9.94
N SER B 183 -4.22 -4.95 10.19
CA SER B 183 -3.61 -4.64 11.48
C SER B 183 -3.67 -3.13 11.68
N TYR B 184 -4.05 -2.70 12.90
CA TYR B 184 -4.12 -1.29 13.29
C TYR B 184 -3.15 -1.09 14.45
N CYS B 185 -2.00 -0.51 14.18
CA CYS B 185 -0.95 -0.34 15.20
C CYS B 185 -0.90 1.06 15.76
N LEU B 186 -0.89 1.17 17.10
CA LEU B 186 -0.77 2.44 17.83
C LEU B 186 0.61 3.04 17.54
N GLU B 187 0.65 4.30 17.03
CA GLU B 187 1.88 4.99 16.65
C GLU B 187 2.88 5.29 17.79
N PHE B 193 2.83 4.43 27.18
CA PHE B 193 3.05 5.83 27.53
C PHE B 193 1.83 6.44 28.22
N GLN B 194 2.07 7.27 29.26
CA GLN B 194 1.04 7.98 30.04
C GLN B 194 0.17 8.91 29.17
N GLN B 195 0.72 9.40 28.04
CA GLN B 195 0.03 10.25 27.06
C GLN B 195 -1.01 9.43 26.30
N LEU B 196 -0.69 8.15 25.92
CA LEU B 196 -1.61 7.21 25.24
C LEU B 196 -2.82 6.95 26.16
N LEU B 197 -2.53 6.72 27.46
CA LEU B 197 -3.48 6.45 28.55
C LEU B 197 -4.41 7.65 28.86
N LEU B 198 -4.15 8.82 28.26
CA LEU B 198 -5.01 9.99 28.37
C LEU B 198 -6.25 9.82 27.48
N GLU B 199 -6.23 8.83 26.55
CA GLU B 199 -7.40 8.53 25.72
C GLU B 199 -8.23 7.41 26.38
N PRO B 200 -9.44 7.74 26.89
CA PRO B 200 -10.25 6.73 27.61
C PRO B 200 -10.55 5.43 26.86
N MET B 201 -10.76 5.52 25.53
CA MET B 201 -11.03 4.34 24.70
C MET B 201 -9.81 3.43 24.67
N LEU B 202 -8.61 4.02 24.53
CA LEU B 202 -7.34 3.28 24.54
C LEU B 202 -7.03 2.70 25.91
N LYS B 203 -7.31 3.45 27.01
CA LYS B 203 -7.14 3.00 28.40
C LYS B 203 -8.06 1.83 28.66
N PHE B 204 -9.35 1.91 28.20
CA PHE B 204 -10.32 0.81 28.32
C PHE B 204 -9.79 -0.49 27.71
N HIS B 205 -9.16 -0.41 26.53
CA HIS B 205 -8.58 -1.57 25.87
C HIS B 205 -7.47 -2.25 26.66
N TYR B 206 -6.52 -1.47 27.25
CA TYR B 206 -5.44 -2.05 28.09
C TYR B 206 -6.03 -2.63 29.37
N MET B 207 -6.95 -1.87 30.01
CA MET B 207 -7.62 -2.25 31.25
C MET B 207 -8.42 -3.54 31.04
N LEU B 208 -9.26 -3.60 29.97
CA LEU B 208 -10.02 -4.81 29.72
C LEU B 208 -9.15 -6.04 29.39
N LYS B 209 -8.06 -5.85 28.67
CA LYS B 209 -7.15 -6.94 28.32
C LYS B 209 -6.45 -7.51 29.56
N LYS B 210 -6.16 -6.65 30.57
CA LYS B 210 -5.51 -7.06 31.81
C LYS B 210 -6.32 -8.11 32.60
N LEU B 211 -7.67 -8.09 32.49
CA LEU B 211 -8.56 -9.04 33.19
C LEU B 211 -8.46 -10.44 32.62
N GLN B 212 -7.90 -10.58 31.40
CA GLN B 212 -7.67 -11.87 30.71
C GLN B 212 -8.96 -12.71 30.66
N LEU B 213 -10.03 -12.09 30.16
CA LEU B 213 -11.34 -12.73 30.10
C LEU B 213 -11.45 -13.90 29.17
N HIS B 214 -12.35 -14.83 29.53
CA HIS B 214 -12.73 -15.99 28.72
C HIS B 214 -13.76 -15.50 27.69
N GLU B 215 -13.95 -16.29 26.61
CA GLU B 215 -14.92 -16.05 25.54
C GLU B 215 -16.34 -15.87 26.12
N GLU B 216 -16.75 -16.74 27.08
CA GLU B 216 -18.01 -16.73 27.83
C GLU B 216 -18.17 -15.41 28.57
N GLU B 217 -17.09 -14.89 29.19
CA GLU B 217 -17.21 -13.63 29.92
C GLU B 217 -17.42 -12.46 28.95
N TYR B 218 -16.73 -12.47 27.80
CA TYR B 218 -16.85 -11.41 26.79
C TYR B 218 -18.28 -11.37 26.20
N VAL B 219 -18.82 -12.55 25.87
CA VAL B 219 -20.17 -12.67 25.33
C VAL B 219 -21.29 -12.27 26.33
N LEU B 220 -21.09 -12.56 27.64
CA LEU B 220 -22.04 -12.18 28.70
C LEU B 220 -22.05 -10.69 28.90
N MET B 221 -20.89 -10.01 28.75
CA MET B 221 -20.73 -8.56 28.78
C MET B 221 -21.51 -7.98 27.61
N GLN B 222 -21.42 -8.59 26.41
CA GLN B 222 -22.14 -8.15 25.21
C GLN B 222 -23.64 -8.19 25.48
N ALA B 223 -24.15 -9.29 26.04
CA ALA B 223 -25.55 -9.48 26.38
C ALA B 223 -26.02 -8.46 27.42
N ILE B 224 -25.18 -8.18 28.46
CA ILE B 224 -25.49 -7.23 29.54
C ILE B 224 -25.59 -5.81 28.98
N SER B 225 -24.66 -5.46 28.09
CA SER B 225 -24.62 -4.16 27.43
C SER B 225 -25.76 -4.03 26.39
N LEU B 226 -26.09 -5.11 25.64
CA LEU B 226 -27.16 -5.14 24.63
C LEU B 226 -28.53 -4.93 25.31
N PHE B 227 -28.83 -5.74 26.36
CA PHE B 227 -30.08 -5.63 27.10
C PHE B 227 -30.02 -4.53 28.16
N SER B 228 -29.81 -3.27 27.74
CA SER B 228 -29.77 -2.14 28.67
C SER B 228 -31.16 -1.49 28.75
N PRO B 229 -31.86 -1.57 29.92
CA PRO B 229 -33.22 -1.01 29.99
C PRO B 229 -33.28 0.51 29.89
N ASP B 230 -32.18 1.19 30.28
CA ASP B 230 -32.04 2.64 30.28
C ASP B 230 -31.69 3.30 28.93
N ARG B 231 -31.78 2.56 27.81
CA ARG B 231 -31.48 3.13 26.49
C ARG B 231 -32.64 4.01 25.98
N PRO B 232 -32.35 5.15 25.27
CA PRO B 232 -33.44 5.98 24.73
C PRO B 232 -34.39 5.23 23.80
N GLY B 233 -35.69 5.38 24.04
CA GLY B 233 -36.76 4.75 23.29
C GLY B 233 -37.19 3.36 23.71
N VAL B 234 -36.61 2.81 24.80
CA VAL B 234 -36.95 1.46 25.26
C VAL B 234 -38.28 1.47 26.02
N LEU B 235 -39.30 0.82 25.43
CA LEU B 235 -40.67 0.74 25.95
C LEU B 235 -40.83 -0.39 26.94
N GLN B 236 -40.24 -1.56 26.65
CA GLN B 236 -40.31 -2.75 27.48
C GLN B 236 -39.21 -2.79 28.55
N HIS B 237 -39.07 -1.67 29.31
CA HIS B 237 -38.14 -1.45 30.44
C HIS B 237 -38.01 -2.66 31.34
N ARG B 238 -39.17 -3.20 31.82
CA ARG B 238 -39.26 -4.31 32.76
C ARG B 238 -38.70 -5.61 32.24
N VAL B 239 -39.09 -6.03 31.01
CA VAL B 239 -38.59 -7.26 30.37
C VAL B 239 -37.07 -7.17 30.13
N VAL B 240 -36.60 -6.02 29.62
CA VAL B 240 -35.18 -5.78 29.30
C VAL B 240 -34.33 -5.84 30.57
N ASP B 241 -34.82 -5.23 31.65
CA ASP B 241 -34.17 -5.21 32.96
C ASP B 241 -34.13 -6.58 33.61
N GLN B 242 -35.19 -7.38 33.41
CA GLN B 242 -35.24 -8.74 33.93
C GLN B 242 -34.22 -9.60 33.20
N LEU B 243 -34.11 -9.39 31.87
CA LEU B 243 -33.17 -10.07 30.99
C LEU B 243 -31.73 -9.73 31.40
N GLN B 244 -31.44 -8.42 31.60
CA GLN B 244 -30.12 -7.95 32.04
C GLN B 244 -29.69 -8.59 33.37
N GLU B 245 -30.60 -8.63 34.37
CA GLU B 245 -30.31 -9.24 35.68
C GLU B 245 -29.99 -10.72 35.57
N GLN B 246 -30.66 -11.48 34.68
CA GLN B 246 -30.34 -12.91 34.50
C GLN B 246 -28.97 -13.18 33.83
N PHE B 247 -28.55 -12.31 32.89
CA PHE B 247 -27.25 -12.42 32.25
C PHE B 247 -26.17 -12.05 33.28
N ALA B 248 -26.39 -10.98 34.07
CA ALA B 248 -25.48 -10.56 35.17
C ALA B 248 -25.40 -11.68 36.21
N ILE B 249 -26.53 -12.35 36.55
CA ILE B 249 -26.53 -13.49 37.48
C ILE B 249 -25.72 -14.65 36.86
N THR B 250 -26.01 -14.98 35.60
CA THR B 250 -25.25 -16.03 34.87
C THR B 250 -23.73 -15.78 34.88
N LEU B 251 -23.29 -14.52 34.66
CA LEU B 251 -21.87 -14.15 34.65
C LEU B 251 -21.21 -14.36 36.03
N LYS B 252 -21.88 -13.90 37.10
CA LYS B 252 -21.44 -14.11 38.47
C LYS B 252 -21.26 -15.63 38.74
N SER B 253 -22.26 -16.45 38.35
CA SER B 253 -22.23 -17.90 38.55
C SER B 253 -21.12 -18.56 37.76
N TYR B 254 -20.93 -18.14 36.47
CA TYR B 254 -19.85 -18.64 35.62
C TYR B 254 -18.49 -18.40 36.30
N ILE B 255 -18.27 -17.17 36.85
CA ILE B 255 -17.02 -16.79 37.53
C ILE B 255 -16.71 -17.65 38.77
N GLU B 256 -17.65 -17.75 39.75
CA GLU B 256 -17.52 -18.59 40.97
C GLU B 256 -17.13 -20.03 40.60
N CYS B 257 -17.80 -20.61 39.57
CA CYS B 257 -17.59 -21.98 39.07
C CYS B 257 -16.29 -22.20 38.29
N ASN B 258 -15.68 -21.12 37.72
CA ASN B 258 -14.49 -21.30 36.88
C ASN B 258 -13.23 -20.47 37.22
N ARG B 259 -13.31 -19.44 38.09
CA ARG B 259 -12.14 -18.58 38.43
C ARG B 259 -11.72 -18.62 39.95
N PRO B 260 -11.21 -19.75 40.49
CA PRO B 260 -10.87 -19.78 41.94
C PRO B 260 -9.53 -19.17 42.38
N GLN B 261 -8.75 -18.65 41.41
CA GLN B 261 -7.43 -18.07 41.65
C GLN B 261 -7.46 -16.71 42.35
N PRO B 262 -6.43 -16.40 43.19
CA PRO B 262 -6.38 -15.08 43.87
C PRO B 262 -6.30 -13.89 42.92
N ALA B 263 -5.78 -14.13 41.69
CA ALA B 263 -5.65 -13.13 40.63
C ALA B 263 -7.03 -12.62 40.19
N HIS B 264 -8.04 -13.52 40.21
CA HIS B 264 -9.40 -13.24 39.77
C HIS B 264 -10.38 -12.86 40.87
N ARG B 265 -9.89 -12.46 42.07
CA ARG B 265 -10.77 -12.00 43.15
C ARG B 265 -11.47 -10.72 42.72
N PHE B 266 -12.79 -10.62 42.96
CA PHE B 266 -13.60 -9.46 42.59
C PHE B 266 -13.80 -9.29 41.07
N LEU B 267 -13.52 -10.35 40.26
CA LEU B 267 -13.67 -10.30 38.80
C LEU B 267 -15.02 -9.80 38.33
N PHE B 268 -16.09 -10.36 38.88
CA PHE B 268 -17.45 -9.96 38.51
C PHE B 268 -17.68 -8.47 38.61
N LEU B 269 -17.34 -7.89 39.76
CA LEU B 269 -17.51 -6.44 39.99
C LEU B 269 -16.59 -5.56 39.12
N LYS B 270 -15.39 -6.07 38.77
CA LYS B 270 -14.45 -5.37 37.90
C LYS B 270 -15.09 -5.26 36.52
N ILE B 271 -15.63 -6.38 36.00
CA ILE B 271 -16.30 -6.42 34.70
C ILE B 271 -17.48 -5.44 34.66
N MET B 272 -18.31 -5.42 35.75
CA MET B 272 -19.46 -4.53 35.91
C MET B 272 -19.05 -3.07 35.93
N ALA B 273 -17.88 -2.75 36.57
CA ALA B 273 -17.33 -1.39 36.62
C ALA B 273 -16.85 -1.00 35.22
N MET B 274 -16.21 -1.97 34.49
CA MET B 274 -15.77 -1.84 33.10
C MET B 274 -16.93 -1.51 32.18
N LEU B 275 -18.11 -2.15 32.40
CA LEU B 275 -19.32 -1.93 31.59
C LEU B 275 -19.87 -0.52 31.78
N THR B 276 -19.88 -0.02 33.03
CA THR B 276 -20.28 1.34 33.37
C THR B 276 -19.28 2.30 32.70
N GLU B 277 -17.98 1.93 32.75
CA GLU B 277 -16.91 2.68 32.11
C GLU B 277 -17.08 2.69 30.58
N LEU B 278 -17.54 1.56 29.99
CA LEU B 278 -17.84 1.44 28.54
C LEU B 278 -19.03 2.33 28.13
N ARG B 279 -20.04 2.48 29.02
CA ARG B 279 -21.20 3.35 28.78
C ARG B 279 -20.77 4.84 28.73
N SER B 280 -19.82 5.24 29.60
CA SER B 280 -19.29 6.61 29.68
C SER B 280 -18.53 6.94 28.42
N ILE B 281 -17.64 6.03 27.96
CA ILE B 281 -16.87 6.14 26.74
C ILE B 281 -17.82 6.26 25.52
N ASN B 282 -18.90 5.46 25.52
CA ASN B 282 -19.89 5.47 24.46
C ASN B 282 -20.53 6.84 24.29
N ALA B 283 -20.90 7.50 25.40
CA ALA B 283 -21.50 8.84 25.41
C ALA B 283 -20.51 9.87 24.81
N GLN B 284 -19.23 9.80 25.22
CA GLN B 284 -18.13 10.64 24.69
C GLN B 284 -17.89 10.37 23.20
N HIS B 285 -17.86 9.09 22.78
CA HIS B 285 -17.63 8.72 21.38
C HIS B 285 -18.71 9.27 20.44
N THR B 286 -19.99 9.15 20.82
CA THR B 286 -21.12 9.64 20.03
C THR B 286 -20.96 11.14 19.77
N GLN B 287 -20.59 11.90 20.82
CA GLN B 287 -20.35 13.33 20.77
C GLN B 287 -19.15 13.68 19.87
N ARG B 288 -18.05 12.91 19.98
CA ARG B 288 -16.88 13.09 19.11
C ARG B 288 -17.26 12.87 17.63
N LEU B 289 -17.95 11.75 17.32
CA LEU B 289 -18.40 11.39 15.97
C LEU B 289 -19.27 12.51 15.36
N LEU B 290 -20.30 13.00 16.12
CA LEU B 290 -21.21 14.07 15.70
C LEU B 290 -20.46 15.37 15.37
N ARG B 291 -19.37 15.67 16.11
CA ARG B 291 -18.53 16.84 15.85
C ARG B 291 -17.71 16.64 14.60
N ILE B 292 -17.14 15.43 14.39
CA ILE B 292 -16.35 15.11 13.18
C ILE B 292 -17.24 15.16 11.92
N GLN B 293 -18.43 14.51 11.99
CA GLN B 293 -19.40 14.42 10.88
C GLN B 293 -19.89 15.81 10.43
N ASP B 294 -20.10 16.71 11.38
CA ASP B 294 -20.53 18.08 11.13
C ASP B 294 -19.54 18.87 10.25
N ILE B 295 -18.23 18.84 10.57
CA ILE B 295 -17.22 19.55 9.77
C ILE B 295 -16.66 18.72 8.58
N HIS B 296 -16.89 17.40 8.59
CA HIS B 296 -16.41 16.46 7.57
C HIS B 296 -17.32 15.21 7.48
N PRO B 297 -18.41 15.23 6.66
CA PRO B 297 -19.27 14.04 6.54
C PRO B 297 -18.52 12.79 6.04
N PHE B 298 -18.59 11.68 6.80
CA PHE B 298 -17.87 10.44 6.50
C PHE B 298 -18.68 9.18 6.80
N ALA B 299 -19.61 9.27 7.78
CA ALA B 299 -20.47 8.17 8.23
C ALA B 299 -21.21 7.48 7.09
N THR B 300 -21.29 6.14 7.12
CA THR B 300 -22.02 5.37 6.10
C THR B 300 -23.52 5.48 6.41
N PRO B 301 -24.45 5.07 5.52
CA PRO B 301 -25.88 5.19 5.88
C PRO B 301 -26.28 4.40 7.16
N LEU B 302 -25.63 3.24 7.47
CA LEU B 302 -25.92 2.49 8.71
C LEU B 302 -25.48 3.24 9.98
N MET B 303 -24.33 3.92 9.90
CA MET B 303 -23.77 4.73 10.99
C MET B 303 -24.64 5.93 11.27
N GLN B 304 -25.17 6.60 10.22
CA GLN B 304 -26.07 7.75 10.37
C GLN B 304 -27.35 7.29 11.11
N GLU B 305 -27.84 6.07 10.78
CA GLU B 305 -28.99 5.47 11.44
C GLU B 305 -28.71 5.24 12.93
N LEU B 306 -27.62 4.48 13.23
CA LEU B 306 -27.21 4.11 14.60
C LEU B 306 -26.84 5.28 15.50
N PHE B 307 -26.24 6.33 14.91
CA PHE B 307 -25.82 7.53 15.63
C PHE B 307 -26.78 8.71 15.67
N GLY B 308 -27.77 8.72 14.77
CA GLY B 308 -28.79 9.76 14.73
C GLY B 308 -28.75 10.71 13.54
N ILE B 309 -27.57 10.86 12.91
CA ILE B 309 -27.32 11.74 11.75
C ILE B 309 -28.48 11.75 10.71
N THR B 310 -29.03 12.94 10.45
CA THR B 310 -30.13 13.14 9.51
C THR B 310 -29.75 13.99 8.29
N SER B 323 -42.66 6.06 14.04
CA SER B 323 -41.77 6.73 13.09
C SER B 323 -40.38 6.09 13.06
N LEU B 324 -39.99 5.41 14.16
CA LEU B 324 -38.71 4.71 14.36
C LEU B 324 -38.34 3.78 13.20
N THR B 325 -39.25 2.89 12.77
CA THR B 325 -39.04 1.96 11.65
C THR B 325 -38.83 2.66 10.30
N GLU B 326 -39.42 3.86 10.11
CA GLU B 326 -39.28 4.68 8.90
C GLU B 326 -37.95 5.48 8.97
N ARG B 327 -37.62 6.00 10.16
CA ARG B 327 -36.39 6.76 10.45
C ARG B 327 -35.11 5.89 10.45
N HIS B 328 -35.27 4.54 10.49
CA HIS B 328 -34.16 3.58 10.51
C HIS B 328 -34.50 2.43 9.56
N LYS B 329 -34.69 2.76 8.27
CA LYS B 329 -35.07 1.84 7.20
C LYS B 329 -34.13 0.67 7.00
N ILE B 330 -32.80 0.93 7.00
CA ILE B 330 -31.77 -0.10 6.83
C ILE B 330 -31.77 -1.08 8.00
N LEU B 331 -31.87 -0.57 9.26
CA LEU B 331 -31.96 -1.37 10.49
C LEU B 331 -33.18 -2.25 10.44
N HIS B 332 -34.35 -1.65 10.09
CA HIS B 332 -35.62 -2.33 9.93
C HIS B 332 -35.50 -3.43 8.88
N ARG B 333 -34.82 -3.15 7.75
CA ARG B 333 -34.61 -4.16 6.73
C ARG B 333 -33.75 -5.32 7.28
N LEU B 334 -32.55 -4.98 7.84
CA LEU B 334 -31.61 -5.96 8.42
C LEU B 334 -32.25 -6.83 9.48
N LEU B 335 -33.13 -6.23 10.32
CA LEU B 335 -33.81 -6.98 11.35
C LEU B 335 -34.90 -7.92 10.78
N GLN B 336 -35.40 -7.64 9.58
CA GLN B 336 -36.41 -8.49 8.94
C GLN B 336 -35.75 -9.57 8.10
N GLU B 337 -34.59 -9.25 7.49
CA GLU B 337 -33.86 -10.18 6.61
C GLU B 337 -33.02 -11.21 7.32
#